data_1PR3
#
_entry.id   1PR3
#
_cell.length_a   114.156
_cell.length_b   54.891
_cell.length_c   58.190
_cell.angle_alpha   90.00
_cell.angle_beta   90.00
_cell.angle_gamma   90.00
#
_symmetry.space_group_name_H-M   'P 21 21 2'
#
loop_
_entity.id
_entity.type
_entity.pdbx_description
1 polymer 'Aspartate semialdehyde dehydrogenase'
2 non-polymer 'PHOSPHATE ION'
3 water water
#
_entity_poly.entity_id   1
_entity_poly.type   'polypeptide(L)'
_entity_poly.pdbx_seq_one_letter_code
;MKNVGFIGWRGMVGSVLMDRMSQENDFENLNPVFFTTSQAGQKAPVFGGKDAGDLKSAFDIEELKKLDIIVTCQGGDYTN
EVYPKLKATGWDGYWVDAASALKMKDDAIIVLDPVNQHVISEGLKKGIKTFVGGNCTVSLMLMAIGGLFEKDLVEWISVA
TYQAASGAGAKNMRELLSQMGLLEQAVSSELKDPASSILDIERKVTAKMRADNFPTDNFGAALGGSLIPWIDKLLPETGQ
TKEEWKGYAETNKILGLSDNPIPVDGLCVRIGALRCHSQAFTIKLKKDLPLEEIEQIIASHNEWVKVIPNDKEITLRELT
PAKVTGTLSVPVGRLRKLAMGPEYLAAFTVGDQLLWGAAEPVRRILKQLVA
;
_entity_poly.pdbx_strand_id   A
#
loop_
_chem_comp.id
_chem_comp.type
_chem_comp.name
_chem_comp.formula
PO4 non-polymer 'PHOSPHATE ION' 'O4 P -3'
#
# COMPACT_ATOMS: atom_id res chain seq x y z
N MET A 1 23.18 -5.56 -21.26
CA MET A 1 22.00 -5.39 -20.37
C MET A 1 22.05 -4.06 -19.62
N LYS A 2 20.89 -3.63 -19.12
CA LYS A 2 20.80 -2.38 -18.37
C LYS A 2 21.52 -2.49 -17.04
N ASN A 3 22.17 -1.39 -16.65
CA ASN A 3 22.89 -1.33 -15.39
C ASN A 3 21.97 -0.67 -14.38
N VAL A 4 21.53 -1.46 -13.40
CA VAL A 4 20.61 -1.01 -12.37
C VAL A 4 21.22 -1.02 -10.98
N GLY A 5 21.11 0.12 -10.30
CA GLY A 5 21.61 0.22 -8.95
C GLY A 5 20.47 0.04 -7.97
N PHE A 6 20.74 -0.60 -6.82
CA PHE A 6 19.72 -0.79 -5.81
C PHE A 6 20.13 -0.15 -4.48
N ILE A 7 19.24 0.66 -3.93
CA ILE A 7 19.50 1.33 -2.66
C ILE A 7 18.36 0.99 -1.71
N GLY A 8 18.69 0.77 -0.43
CA GLY A 8 17.69 0.44 0.56
C GLY A 8 17.08 -0.93 0.36
N TRP A 9 17.85 -1.82 -0.26
CA TRP A 9 17.39 -3.17 -0.56
C TRP A 9 17.43 -4.08 0.68
N ARG A 10 18.03 -3.58 1.77
CA ARG A 10 18.09 -4.38 3.00
C ARG A 10 16.99 -4.00 3.98
N GLY A 11 16.22 -2.97 3.65
CA GLY A 11 15.13 -2.55 4.52
C GLY A 11 13.98 -3.51 4.34
N MET A 12 12.84 -3.24 4.98
CA MET A 12 11.70 -4.14 4.85
C MET A 12 11.11 -4.15 3.43
N VAL A 13 10.75 -3.00 2.88
CA VAL A 13 10.19 -2.96 1.54
C VAL A 13 11.25 -3.51 0.58
N GLY A 14 12.49 -3.04 0.73
CA GLY A 14 13.57 -3.51 -0.11
C GLY A 14 13.71 -5.03 -0.07
N SER A 15 13.63 -5.61 1.12
CA SER A 15 13.75 -7.07 1.27
C SER A 15 12.64 -7.81 0.51
N VAL A 16 11.42 -7.29 0.59
CA VAL A 16 10.32 -7.92 -0.11
C VAL A 16 10.60 -7.83 -1.61
N LEU A 17 11.11 -6.69 -2.03
CA LEU A 17 11.44 -6.48 -3.44
C LEU A 17 12.48 -7.51 -3.89
N MET A 18 13.56 -7.63 -3.13
CA MET A 18 14.63 -8.56 -3.46
C MET A 18 14.12 -10.00 -3.57
N ASP A 19 13.28 -10.41 -2.63
CA ASP A 19 12.74 -11.76 -2.64
C ASP A 19 11.88 -12.02 -3.86
N ARG A 20 10.95 -11.11 -4.13
CA ARG A 20 10.10 -11.26 -5.30
C ARG A 20 10.94 -11.31 -6.57
N MET A 21 12.00 -10.50 -6.61
CA MET A 21 12.86 -10.47 -7.79
C MET A 21 13.56 -11.80 -8.01
N SER A 22 14.02 -12.44 -6.94
CA SER A 22 14.69 -13.73 -7.07
C SER A 22 13.66 -14.77 -7.51
N GLN A 23 12.50 -14.74 -6.86
CA GLN A 23 11.42 -15.67 -7.18
C GLN A 23 11.07 -15.66 -8.66
N GLU A 24 11.14 -14.49 -9.27
CA GLU A 24 10.81 -14.33 -10.67
C GLU A 24 12.03 -14.29 -11.59
N ASN A 25 13.21 -14.53 -11.02
CA ASN A 25 14.47 -14.52 -11.77
C ASN A 25 14.70 -13.20 -12.49
N ASP A 26 14.25 -12.12 -11.86
CA ASP A 26 14.40 -10.80 -12.45
C ASP A 26 15.85 -10.38 -12.64
N PHE A 27 16.75 -10.90 -11.82
CA PHE A 27 18.15 -10.50 -11.92
C PHE A 27 18.88 -11.01 -13.16
N GLU A 28 18.29 -11.99 -13.85
CA GLU A 28 18.93 -12.55 -15.03
C GLU A 28 18.91 -11.65 -16.24
N ASN A 29 18.02 -10.67 -16.25
CA ASN A 29 17.89 -9.76 -17.38
C ASN A 29 18.52 -8.38 -17.21
N LEU A 30 19.37 -8.22 -16.19
CA LEU A 30 20.03 -6.94 -15.96
C LEU A 30 21.33 -7.09 -15.17
N ASN A 31 22.08 -5.99 -15.10
CA ASN A 31 23.33 -5.93 -14.36
C ASN A 31 23.05 -5.15 -13.08
N PRO A 32 22.96 -5.85 -11.95
CA PRO A 32 22.69 -5.21 -10.66
C PRO A 32 23.90 -4.69 -9.91
N VAL A 33 23.79 -3.45 -9.42
CA VAL A 33 24.86 -2.84 -8.64
C VAL A 33 24.23 -2.43 -7.31
N PHE A 34 24.75 -2.98 -6.22
CA PHE A 34 24.22 -2.67 -4.90
C PHE A 34 24.98 -1.59 -4.15
N PHE A 35 24.22 -0.68 -3.53
CA PHE A 35 24.78 0.43 -2.76
C PHE A 35 24.44 0.32 -1.29
N THR A 36 25.16 1.09 -0.49
CA THR A 36 24.95 1.10 0.95
C THR A 36 25.26 2.49 1.47
N THR A 37 24.65 2.82 2.60
CA THR A 37 24.85 4.10 3.25
C THR A 37 25.90 3.92 4.34
N SER A 38 26.19 2.66 4.67
CA SER A 38 27.17 2.36 5.68
C SER A 38 28.59 2.71 5.26
N GLN A 39 29.44 2.93 6.25
CA GLN A 39 30.83 3.25 6.00
C GLN A 39 31.68 2.09 6.51
N ALA A 40 31.00 1.06 7.00
CA ALA A 40 31.67 -0.13 7.50
C ALA A 40 32.16 -0.98 6.34
N LEU A 55 30.11 -3.52 -2.52
CA LEU A 55 29.00 -2.56 -2.23
C LEU A 55 29.53 -1.12 -2.35
N LYS A 56 28.84 -0.30 -3.14
CA LYS A 56 29.22 1.09 -3.34
C LYS A 56 28.47 2.03 -2.39
N SER A 57 28.88 3.29 -2.37
CA SER A 57 28.26 4.30 -1.53
C SER A 57 27.04 4.92 -2.20
N ALA A 58 25.91 4.87 -1.50
CA ALA A 58 24.65 5.40 -2.01
C ALA A 58 24.70 6.91 -2.24
N PHE A 59 25.74 7.56 -1.71
CA PHE A 59 25.87 9.00 -1.86
C PHE A 59 26.84 9.40 -2.96
N ASP A 60 27.56 8.42 -3.51
CA ASP A 60 28.54 8.68 -4.58
C ASP A 60 27.83 9.01 -5.89
N ILE A 61 27.64 10.29 -6.16
CA ILE A 61 26.96 10.73 -7.37
C ILE A 61 27.60 10.20 -8.65
N GLU A 62 28.92 10.19 -8.70
CA GLU A 62 29.61 9.71 -9.90
C GLU A 62 29.37 8.21 -10.14
N GLU A 63 29.29 7.45 -9.07
CA GLU A 63 29.03 6.02 -9.16
C GLU A 63 27.59 5.76 -9.60
N LEU A 64 26.68 6.65 -9.22
CA LEU A 64 25.28 6.52 -9.58
C LEU A 64 25.05 7.00 -11.02
N LYS A 65 25.92 7.91 -11.47
CA LYS A 65 25.83 8.46 -12.82
C LYS A 65 26.01 7.39 -13.90
N LYS A 66 26.77 6.35 -13.58
CA LYS A 66 27.04 5.26 -14.51
C LYS A 66 25.90 4.28 -14.70
N LEU A 67 24.88 4.40 -13.86
CA LEU A 67 23.72 3.51 -13.92
C LEU A 67 22.65 3.98 -14.90
N ASP A 68 22.03 3.03 -15.59
CA ASP A 68 20.96 3.35 -16.52
C ASP A 68 19.69 3.52 -15.71
N ILE A 69 19.63 2.81 -14.59
CA ILE A 69 18.45 2.85 -13.73
C ILE A 69 18.81 2.79 -12.25
N ILE A 70 18.04 3.53 -11.46
CA ILE A 70 18.21 3.58 -10.01
C ILE A 70 16.91 3.08 -9.38
N VAL A 71 17.01 2.07 -8.52
CA VAL A 71 15.84 1.55 -7.83
C VAL A 71 16.12 1.74 -6.34
N THR A 72 15.42 2.68 -5.74
CA THR A 72 15.62 2.96 -4.32
C THR A 72 14.39 2.76 -3.45
N CYS A 73 14.61 2.08 -2.33
CA CYS A 73 13.60 1.83 -1.31
C CYS A 73 14.21 2.40 -0.03
N GLN A 74 15.22 3.27 -0.20
CA GLN A 74 15.91 3.88 0.93
C GLN A 74 15.04 4.82 1.76
N GLY A 75 14.30 5.69 1.08
CA GLY A 75 13.45 6.62 1.80
C GLY A 75 13.50 8.04 1.25
N GLY A 76 12.54 8.86 1.69
CA GLY A 76 12.44 10.23 1.23
C GLY A 76 13.65 11.13 1.46
N ASP A 77 14.19 11.14 2.66
CA ASP A 77 15.34 11.98 2.93
C ASP A 77 16.44 11.66 1.94
N TYR A 78 16.76 10.37 1.79
CA TYR A 78 17.79 9.95 0.84
C TYR A 78 17.46 10.51 -0.53
N THR A 79 16.23 10.30 -0.96
CA THR A 79 15.78 10.78 -2.26
C THR A 79 15.98 12.28 -2.38
N ASN A 80 15.36 13.04 -1.49
CA ASN A 80 15.47 14.49 -1.52
C ASN A 80 16.90 15.00 -1.50
N GLU A 81 17.82 14.22 -0.92
CA GLU A 81 19.22 14.63 -0.86
C GLU A 81 20.00 14.27 -2.14
N VAL A 82 19.97 13.00 -2.51
CA VAL A 82 20.70 12.50 -3.68
C VAL A 82 20.09 12.79 -5.06
N TYR A 83 18.77 12.63 -5.17
CA TYR A 83 18.08 12.85 -6.45
C TYR A 83 18.43 14.16 -7.16
N PRO A 84 18.29 15.30 -6.48
CA PRO A 84 18.62 16.57 -7.14
C PRO A 84 20.07 16.67 -7.62
N LYS A 85 21.01 16.25 -6.79
CA LYS A 85 22.41 16.31 -7.17
C LYS A 85 22.66 15.49 -8.42
N LEU A 86 22.15 14.27 -8.44
CA LEU A 86 22.33 13.38 -9.59
C LEU A 86 21.72 14.02 -10.85
N LYS A 87 20.47 14.44 -10.75
CA LYS A 87 19.82 15.07 -11.90
C LYS A 87 20.59 16.35 -12.26
N ALA A 88 21.32 16.88 -11.29
CA ALA A 88 22.09 18.10 -11.48
C ALA A 88 23.35 17.91 -12.32
N THR A 89 23.78 16.67 -12.48
CA THR A 89 24.98 16.39 -13.26
C THR A 89 24.62 16.16 -14.71
N GLY A 90 23.32 16.02 -14.99
CA GLY A 90 22.88 15.78 -16.35
C GLY A 90 22.51 14.33 -16.56
N TRP A 91 22.65 13.52 -15.52
CA TRP A 91 22.29 12.11 -15.59
C TRP A 91 20.94 12.00 -16.30
N ASP A 92 20.88 11.15 -17.32
CA ASP A 92 19.66 10.99 -18.11
C ASP A 92 18.94 9.65 -17.89
N GLY A 93 19.39 8.88 -16.90
CA GLY A 93 18.77 7.59 -16.66
C GLY A 93 17.42 7.59 -15.95
N TYR A 94 16.98 6.40 -15.53
CA TYR A 94 15.71 6.25 -14.84
C TYR A 94 15.81 6.16 -13.33
N TRP A 95 14.88 6.82 -12.64
CA TRP A 95 14.85 6.80 -11.19
C TRP A 95 13.54 6.15 -10.73
N VAL A 96 13.65 4.95 -10.18
CA VAL A 96 12.50 4.19 -9.66
C VAL A 96 12.53 4.28 -8.14
N ASP A 97 11.50 4.90 -7.57
CA ASP A 97 11.41 5.11 -6.13
C ASP A 97 10.18 4.52 -5.44
N ALA A 98 10.40 3.91 -4.29
CA ALA A 98 9.34 3.32 -3.48
C ALA A 98 8.88 4.40 -2.51
N ALA A 99 9.79 5.32 -2.18
CA ALA A 99 9.47 6.41 -1.27
C ALA A 99 8.57 7.40 -1.99
N SER A 100 7.76 8.11 -1.22
CA SER A 100 6.79 9.06 -1.77
C SER A 100 7.30 10.45 -2.15
N ALA A 101 8.55 10.74 -1.85
CA ALA A 101 9.13 12.04 -2.15
C ALA A 101 8.67 12.69 -3.46
N LEU A 102 8.91 12.02 -4.58
CA LEU A 102 8.57 12.58 -5.87
C LEU A 102 7.15 12.29 -6.37
N LYS A 103 6.41 11.50 -5.61
CA LYS A 103 5.04 11.14 -5.95
C LYS A 103 4.24 12.20 -6.70
N MET A 104 4.27 13.44 -6.23
CA MET A 104 3.50 14.50 -6.87
C MET A 104 4.29 15.49 -7.74
N LYS A 105 5.34 15.01 -8.39
CA LYS A 105 6.13 15.86 -9.27
C LYS A 105 5.60 15.78 -10.70
N ASP A 106 5.68 16.88 -11.42
CA ASP A 106 5.20 16.95 -12.79
C ASP A 106 6.03 16.05 -13.73
N ASP A 107 7.30 15.86 -13.38
CA ASP A 107 8.16 15.02 -14.21
C ASP A 107 8.19 13.57 -13.72
N ALA A 108 7.25 13.25 -12.83
CA ALA A 108 7.16 11.90 -12.26
C ALA A 108 5.78 11.30 -12.44
N ILE A 109 5.75 9.99 -12.65
CA ILE A 109 4.51 9.26 -12.81
C ILE A 109 4.40 8.22 -11.69
N ILE A 110 3.18 8.00 -11.20
CA ILE A 110 2.94 7.01 -10.14
C ILE A 110 2.55 5.73 -10.88
N VAL A 111 3.36 4.69 -10.69
CA VAL A 111 3.14 3.41 -11.38
C VAL A 111 2.28 2.34 -10.71
N LEU A 112 1.38 1.76 -11.51
CA LEU A 112 0.50 0.67 -11.09
C LEU A 112 0.05 0.09 -12.42
N ASP A 113 1.04 -0.39 -13.17
CA ASP A 113 0.84 -0.91 -14.53
C ASP A 113 -0.40 -1.75 -14.80
N PRO A 114 -0.81 -2.61 -13.86
CA PRO A 114 -2.02 -3.36 -14.23
C PRO A 114 -3.20 -2.40 -14.33
N VAL A 115 -3.02 -1.19 -13.82
CA VAL A 115 -4.07 -0.19 -13.85
C VAL A 115 -3.79 0.96 -14.80
N ASN A 116 -2.60 1.52 -14.75
CA ASN A 116 -2.28 2.65 -15.61
C ASN A 116 -1.14 2.44 -16.60
N GLN A 117 -1.12 1.30 -17.26
CA GLN A 117 -0.08 1.04 -18.25
C GLN A 117 -0.11 2.12 -19.32
N HIS A 118 -1.31 2.46 -19.79
CA HIS A 118 -1.45 3.49 -20.81
C HIS A 118 -0.84 4.80 -20.36
N VAL A 119 -0.91 5.07 -19.07
CA VAL A 119 -0.32 6.29 -18.53
C VAL A 119 1.19 6.13 -18.53
N ILE A 120 1.64 4.94 -18.16
CA ILE A 120 3.06 4.64 -18.10
C ILE A 120 3.69 4.70 -19.50
N SER A 121 3.02 4.10 -20.48
CA SER A 121 3.53 4.09 -21.84
C SER A 121 3.72 5.50 -22.35
N GLU A 122 2.65 6.29 -22.33
CA GLU A 122 2.70 7.68 -22.79
C GLU A 122 3.84 8.46 -22.17
N GLY A 123 3.96 8.37 -20.84
CA GLY A 123 5.01 9.07 -20.15
C GLY A 123 6.37 8.68 -20.69
N LEU A 124 6.53 7.39 -20.96
CA LEU A 124 7.78 6.89 -21.50
C LEU A 124 8.03 7.57 -22.84
N LYS A 125 6.97 7.70 -23.61
CA LYS A 125 7.04 8.35 -24.92
C LYS A 125 7.56 9.77 -24.71
N LYS A 126 6.82 10.54 -23.92
CA LYS A 126 7.16 11.92 -23.62
C LYS A 126 8.58 12.07 -23.10
N GLY A 127 9.09 11.06 -22.41
CA GLY A 127 10.45 11.12 -21.90
C GLY A 127 10.55 11.12 -20.38
N ILE A 128 9.47 10.74 -19.70
CA ILE A 128 9.47 10.70 -18.25
C ILE A 128 10.53 9.71 -17.80
N LYS A 129 11.39 10.11 -16.89
CA LYS A 129 12.46 9.24 -16.40
C LYS A 129 12.35 8.92 -14.92
N THR A 130 11.32 9.45 -14.27
CA THR A 130 11.13 9.20 -12.84
C THR A 130 9.78 8.54 -12.57
N PHE A 131 9.85 7.34 -12.01
CA PHE A 131 8.65 6.57 -11.67
C PHE A 131 8.63 6.27 -10.19
N VAL A 132 7.47 6.50 -9.59
CA VAL A 132 7.31 6.31 -8.16
C VAL A 132 6.17 5.37 -7.80
N GLY A 133 6.40 4.52 -6.81
CA GLY A 133 5.38 3.59 -6.37
C GLY A 133 4.29 4.37 -5.67
N GLY A 134 3.05 3.95 -5.82
CA GLY A 134 1.97 4.66 -5.18
C GLY A 134 1.60 4.24 -3.78
N ASN A 135 0.76 5.07 -3.14
CA ASN A 135 0.28 4.81 -1.78
C ASN A 135 -0.34 3.41 -1.71
N CYS A 136 -0.02 2.68 -0.65
CA CYS A 136 -0.54 1.33 -0.48
C CYS A 136 -2.07 1.24 -0.55
N THR A 137 -2.77 2.04 0.24
CA THR A 137 -4.24 1.99 0.24
C THR A 137 -4.84 2.30 -1.14
N VAL A 138 -4.34 3.32 -1.82
CA VAL A 138 -4.86 3.66 -3.15
C VAL A 138 -4.56 2.56 -4.18
N SER A 139 -3.36 1.98 -4.11
CA SER A 139 -2.96 0.90 -5.01
C SER A 139 -3.84 -0.33 -4.82
N LEU A 140 -4.06 -0.70 -3.57
CA LEU A 140 -4.87 -1.86 -3.24
C LEU A 140 -6.31 -1.65 -3.65
N MET A 141 -6.75 -0.39 -3.66
CA MET A 141 -8.11 -0.09 -4.05
C MET A 141 -8.24 -0.29 -5.57
N LEU A 142 -7.37 0.40 -6.31
CA LEU A 142 -7.38 0.31 -7.76
C LEU A 142 -7.20 -1.12 -8.27
N MET A 143 -6.37 -1.90 -7.59
CA MET A 143 -6.17 -3.30 -7.97
C MET A 143 -7.46 -4.08 -7.75
N ALA A 144 -8.25 -3.65 -6.78
CA ALA A 144 -9.51 -4.32 -6.47
C ALA A 144 -10.67 -3.93 -7.37
N ILE A 145 -10.89 -2.63 -7.54
CA ILE A 145 -12.01 -2.14 -8.35
C ILE A 145 -11.59 -1.34 -9.60
N GLY A 146 -10.45 -1.69 -10.18
CA GLY A 146 -9.99 -1.02 -11.38
C GLY A 146 -11.06 -1.04 -12.47
N GLY A 147 -11.73 -2.16 -12.62
CA GLY A 147 -12.78 -2.28 -13.63
C GLY A 147 -13.74 -1.11 -13.64
N LEU A 148 -14.31 -0.79 -12.48
CA LEU A 148 -15.26 0.30 -12.39
C LEU A 148 -14.67 1.59 -12.94
N PHE A 149 -13.42 1.88 -12.62
CA PHE A 149 -12.80 3.09 -13.14
C PHE A 149 -12.56 2.95 -14.64
N GLU A 150 -12.22 1.74 -15.08
CA GLU A 150 -11.95 1.47 -16.49
C GLU A 150 -13.18 1.65 -17.38
N LYS A 151 -14.35 1.78 -16.76
CA LYS A 151 -15.58 1.97 -17.51
C LYS A 151 -16.16 3.35 -17.24
N ASP A 152 -15.44 4.14 -16.45
CA ASP A 152 -15.88 5.49 -16.11
C ASP A 152 -17.24 5.43 -15.42
N LEU A 153 -17.39 4.48 -14.50
CA LEU A 153 -18.64 4.28 -13.77
C LEU A 153 -18.58 4.79 -12.33
N VAL A 154 -17.39 5.20 -11.90
CA VAL A 154 -17.22 5.70 -10.54
C VAL A 154 -17.40 7.20 -10.46
N GLU A 155 -18.47 7.64 -9.79
CA GLU A 155 -18.76 9.06 -9.63
C GLU A 155 -17.95 9.59 -8.45
N TRP A 156 -17.96 8.84 -7.36
CA TRP A 156 -17.20 9.17 -6.16
C TRP A 156 -17.17 7.94 -5.27
N ILE A 157 -16.28 7.94 -4.29
CA ILE A 157 -16.16 6.81 -3.38
C ILE A 157 -15.78 7.26 -1.98
N SER A 158 -16.51 6.76 -0.98
CA SER A 158 -16.22 7.10 0.41
C SER A 158 -15.49 5.87 0.96
N VAL A 159 -14.40 6.09 1.67
CA VAL A 159 -13.65 4.97 2.20
C VAL A 159 -13.46 4.94 3.71
N ALA A 160 -13.37 3.71 4.23
CA ALA A 160 -13.12 3.47 5.65
C ALA A 160 -12.09 2.36 5.56
N THR A 161 -10.90 2.59 6.10
CA THR A 161 -9.83 1.59 6.05
C THR A 161 -9.53 0.91 7.38
N TYR A 162 -8.93 -0.29 7.28
CA TYR A 162 -8.51 -1.11 8.41
C TYR A 162 -7.06 -1.41 8.04
N GLN A 163 -6.18 -0.46 8.32
CA GLN A 163 -4.78 -0.57 7.93
C GLN A 163 -3.80 -1.31 8.82
N ALA A 164 -2.93 -2.08 8.19
CA ALA A 164 -1.91 -2.87 8.88
C ALA A 164 -0.76 -2.02 9.40
N ALA A 165 -0.02 -2.58 10.34
CA ALA A 165 1.12 -1.92 10.99
C ALA A 165 2.36 -1.77 10.09
N SER A 166 2.53 -2.70 9.16
CA SER A 166 3.66 -2.69 8.24
C SER A 166 3.76 -1.40 7.42
N GLY A 167 2.63 -0.73 7.23
CA GLY A 167 2.62 0.50 6.47
C GLY A 167 3.31 1.59 7.27
N ALA A 168 3.35 1.41 8.59
CA ALA A 168 3.99 2.37 9.48
C ALA A 168 5.48 2.07 9.57
N GLY A 169 5.82 0.79 9.64
CA GLY A 169 7.22 0.42 9.72
C GLY A 169 7.45 -0.88 10.47
N ALA A 170 8.65 -1.42 10.34
CA ALA A 170 9.03 -2.67 11.00
C ALA A 170 8.89 -2.60 12.51
N LYS A 171 9.30 -1.49 13.11
CA LYS A 171 9.20 -1.37 14.56
C LYS A 171 7.77 -1.34 15.04
N ASN A 172 6.88 -0.81 14.21
CA ASN A 172 5.45 -0.76 14.55
C ASN A 172 4.84 -2.15 14.56
N MET A 173 5.26 -3.01 13.64
CA MET A 173 4.77 -4.37 13.57
C MET A 173 5.18 -5.11 14.86
N ARG A 174 6.43 -4.92 15.28
CA ARG A 174 6.93 -5.57 16.48
C ARG A 174 6.18 -5.07 17.71
N GLU A 175 5.88 -3.78 17.74
CA GLU A 175 5.17 -3.19 18.86
C GLU A 175 3.75 -3.75 18.97
N LEU A 176 3.11 -3.98 17.83
CA LEU A 176 1.77 -4.55 17.81
C LEU A 176 1.81 -5.92 18.47
N LEU A 177 2.78 -6.73 18.04
CA LEU A 177 2.93 -8.08 18.57
C LEU A 177 3.24 -8.10 20.06
N SER A 178 4.14 -7.23 20.50
CA SER A 178 4.49 -7.16 21.91
C SER A 178 3.23 -6.79 22.69
N GLN A 179 2.47 -5.84 22.15
CA GLN A 179 1.24 -5.42 22.80
C GLN A 179 0.28 -6.59 22.95
N MET A 180 0.12 -7.38 21.89
CA MET A 180 -0.75 -8.54 21.96
C MET A 180 -0.27 -9.51 23.03
N GLY A 181 1.04 -9.69 23.13
CA GLY A 181 1.60 -10.59 24.13
C GLY A 181 1.24 -10.22 25.54
N LEU A 182 1.54 -8.98 25.93
CA LEU A 182 1.25 -8.48 27.26
C LEU A 182 -0.22 -8.52 27.60
N LEU A 183 -1.08 -8.28 26.61
CA LEU A 183 -2.51 -8.32 26.87
C LEU A 183 -2.94 -9.71 27.35
N GLU A 184 -2.47 -10.75 26.67
CA GLU A 184 -2.83 -12.11 27.05
C GLU A 184 -2.15 -12.50 28.36
N GLN A 185 -0.86 -12.19 28.45
CA GLN A 185 -0.09 -12.49 29.65
C GLN A 185 -0.76 -11.93 30.90
N ALA A 186 -1.48 -10.83 30.75
CA ALA A 186 -2.15 -10.19 31.87
C ALA A 186 -3.26 -11.06 32.45
N VAL A 187 -3.73 -12.02 31.68
CA VAL A 187 -4.81 -12.88 32.13
C VAL A 187 -4.59 -14.33 31.72
N SER A 188 -3.33 -14.69 31.48
CA SER A 188 -2.99 -16.03 31.01
C SER A 188 -3.59 -17.20 31.78
N SER A 189 -3.62 -17.11 33.11
CA SER A 189 -4.17 -18.18 33.93
C SER A 189 -5.69 -18.17 33.94
N GLU A 190 -6.27 -16.97 34.00
CA GLU A 190 -7.73 -16.85 34.00
C GLU A 190 -8.30 -17.40 32.70
N LEU A 191 -7.62 -17.13 31.59
CA LEU A 191 -8.07 -17.62 30.30
C LEU A 191 -8.10 -19.15 30.25
N LYS A 192 -7.13 -19.79 30.90
CA LYS A 192 -7.09 -21.25 30.90
C LYS A 192 -8.17 -21.88 31.78
N ASP A 193 -8.67 -21.11 32.75
CA ASP A 193 -9.72 -21.60 33.65
C ASP A 193 -11.08 -21.37 33.00
N PRO A 194 -11.69 -22.43 32.47
CA PRO A 194 -12.99 -22.38 31.80
C PRO A 194 -14.14 -21.79 32.61
N ALA A 195 -13.94 -21.68 33.92
CA ALA A 195 -14.98 -21.14 34.80
C ALA A 195 -14.70 -19.73 35.30
N SER A 196 -13.61 -19.12 34.86
CA SER A 196 -13.28 -17.76 35.32
C SER A 196 -14.20 -16.69 34.74
N SER A 197 -14.32 -15.58 35.47
CA SER A 197 -15.15 -14.45 35.06
C SER A 197 -14.57 -13.68 33.87
N ILE A 198 -15.37 -13.45 32.85
CA ILE A 198 -14.93 -12.73 31.66
C ILE A 198 -14.74 -11.24 31.96
N LEU A 199 -15.55 -10.71 32.86
CA LEU A 199 -15.47 -9.30 33.25
C LEU A 199 -14.18 -9.00 34.00
N ASP A 200 -13.79 -9.92 34.88
CA ASP A 200 -12.57 -9.76 35.65
C ASP A 200 -11.40 -9.75 34.66
N ILE A 201 -11.50 -10.61 33.66
CA ILE A 201 -10.46 -10.72 32.65
C ILE A 201 -10.26 -9.46 31.81
N GLU A 202 -11.34 -8.94 31.23
CA GLU A 202 -11.24 -7.74 30.41
C GLU A 202 -10.77 -6.59 31.29
N ARG A 203 -11.18 -6.64 32.55
CA ARG A 203 -10.80 -5.62 33.52
C ARG A 203 -9.28 -5.53 33.55
N LYS A 204 -8.63 -6.68 33.66
CA LYS A 204 -7.18 -6.75 33.71
C LYS A 204 -6.52 -6.41 32.37
N VAL A 205 -7.04 -6.97 31.29
CA VAL A 205 -6.49 -6.69 29.96
C VAL A 205 -6.51 -5.18 29.72
N THR A 206 -7.64 -4.57 30.02
CA THR A 206 -7.83 -3.13 29.84
C THR A 206 -6.88 -2.34 30.73
N ALA A 207 -6.61 -2.88 31.92
CA ALA A 207 -5.71 -2.19 32.84
C ALA A 207 -4.27 -2.24 32.29
N LYS A 208 -3.87 -3.40 31.79
CA LYS A 208 -2.53 -3.54 31.23
C LYS A 208 -2.38 -2.62 30.03
N MET A 209 -3.42 -2.56 29.21
CA MET A 209 -3.40 -1.74 28.02
C MET A 209 -3.14 -0.29 28.39
N ARG A 210 -3.66 0.12 29.54
CA ARG A 210 -3.51 1.49 30.03
C ARG A 210 -2.29 1.74 30.91
N ALA A 211 -1.55 0.69 31.22
CA ALA A 211 -0.37 0.81 32.06
C ALA A 211 0.72 1.67 31.43
N ASP A 212 1.50 2.34 32.28
CA ASP A 212 2.59 3.18 31.81
C ASP A 212 3.58 2.32 31.03
N ASN A 213 3.82 1.10 31.51
CA ASN A 213 4.76 0.22 30.85
C ASN A 213 4.25 -0.48 29.58
N PHE A 214 3.01 -0.21 29.17
CA PHE A 214 2.51 -0.80 27.94
C PHE A 214 3.26 -0.03 26.85
N PRO A 215 4.03 -0.75 26.01
CA PRO A 215 4.84 -0.18 24.92
C PRO A 215 4.06 0.45 23.78
N THR A 216 4.01 1.78 23.77
CA THR A 216 3.26 2.49 22.72
C THR A 216 4.08 3.62 22.11
N ASP A 217 5.39 3.52 22.21
CA ASP A 217 6.26 4.57 21.68
C ASP A 217 6.15 4.80 20.17
N ASN A 218 6.05 3.72 19.40
CA ASN A 218 5.97 3.87 17.95
C ASN A 218 4.62 4.37 17.45
N PHE A 219 3.54 3.86 18.01
CA PHE A 219 2.20 4.30 17.61
C PHE A 219 1.72 5.51 18.39
N GLY A 220 2.24 5.71 19.60
CA GLY A 220 1.80 6.83 20.41
C GLY A 220 0.46 6.54 21.07
N ALA A 221 -0.01 5.31 20.90
CA ALA A 221 -1.27 4.87 21.48
C ALA A 221 -1.28 3.36 21.37
N ALA A 222 -2.16 2.70 22.12
CA ALA A 222 -2.24 1.25 22.04
C ALA A 222 -2.87 0.89 20.68
N LEU A 223 -2.40 -0.19 20.07
CA LEU A 223 -2.97 -0.64 18.80
C LEU A 223 -3.56 -2.03 19.03
N GLY A 224 -2.77 -2.90 19.64
CA GLY A 224 -3.26 -4.23 19.93
C GLY A 224 -4.46 -4.06 20.84
N GLY A 225 -5.53 -4.80 20.56
CA GLY A 225 -6.73 -4.70 21.37
C GLY A 225 -7.45 -3.38 21.18
N SER A 226 -7.05 -2.59 20.18
CA SER A 226 -7.69 -1.31 19.95
C SER A 226 -7.58 -0.88 18.48
N LEU A 227 -7.57 0.44 18.24
CA LEU A 227 -7.43 1.00 16.90
C LEU A 227 -7.10 2.49 17.03
N ILE A 228 -6.57 3.07 15.96
CA ILE A 228 -6.20 4.50 15.96
C ILE A 228 -6.78 5.14 14.70
N PRO A 229 -7.84 5.95 14.86
CA PRO A 229 -8.50 6.62 13.74
C PRO A 229 -7.74 7.86 13.24
N TRP A 230 -6.45 7.68 13.02
CA TRP A 230 -5.62 8.77 12.57
C TRP A 230 -4.27 8.27 12.04
N ILE A 231 -4.01 8.53 10.77
CA ILE A 231 -2.74 8.13 10.16
C ILE A 231 -2.17 9.35 9.44
N ASP A 232 -0.91 9.64 9.74
CA ASP A 232 -0.17 10.76 9.16
C ASP A 232 -0.59 12.12 9.75
N LYS A 233 0.08 13.18 9.32
CA LYS A 233 -0.21 14.52 9.82
C LYS A 233 -1.49 15.13 9.27
N LEU A 234 -2.04 16.07 10.03
CA LEU A 234 -3.25 16.77 9.66
C LEU A 234 -2.93 17.82 8.60
N LEU A 235 -3.82 17.95 7.63
CA LEU A 235 -3.69 18.94 6.58
C LEU A 235 -4.74 20.01 6.88
N PRO A 236 -4.33 21.10 7.55
CA PRO A 236 -5.21 22.22 7.93
C PRO A 236 -6.25 22.58 6.88
N GLU A 237 -5.79 22.78 5.64
CA GLU A 237 -6.65 23.14 4.53
C GLU A 237 -7.96 22.35 4.40
N THR A 238 -7.88 21.02 4.42
CA THR A 238 -9.07 20.17 4.25
C THR A 238 -9.55 19.42 5.48
N GLY A 239 -8.73 19.38 6.53
CA GLY A 239 -9.12 18.67 7.72
C GLY A 239 -8.78 17.20 7.62
N GLN A 240 -8.39 16.76 6.42
CA GLN A 240 -8.01 15.36 6.23
C GLN A 240 -6.63 15.18 6.80
N THR A 241 -6.20 13.93 6.88
CA THR A 241 -4.86 13.61 7.34
C THR A 241 -4.18 13.37 6.00
N LYS A 242 -2.86 13.49 5.95
CA LYS A 242 -2.12 13.26 4.72
C LYS A 242 -2.55 11.95 4.03
N GLU A 243 -2.70 10.90 4.84
CA GLU A 243 -3.10 9.59 4.35
C GLU A 243 -4.43 9.64 3.61
N GLU A 244 -5.43 10.25 4.23
CA GLU A 244 -6.75 10.36 3.64
C GLU A 244 -6.72 11.23 2.39
N TRP A 245 -5.90 12.28 2.46
CA TRP A 245 -5.73 13.20 1.35
C TRP A 245 -5.25 12.49 0.08
N LYS A 246 -4.41 11.48 0.25
CA LYS A 246 -3.86 10.73 -0.89
C LYS A 246 -4.91 9.97 -1.69
N GLY A 247 -6.08 9.76 -1.09
CA GLY A 247 -7.13 9.05 -1.80
C GLY A 247 -7.50 9.79 -3.07
N TYR A 248 -7.80 11.08 -2.93
CA TYR A 248 -8.18 11.92 -4.05
C TYR A 248 -6.99 12.22 -4.97
N ALA A 249 -5.92 12.76 -4.40
CA ALA A 249 -4.73 13.13 -5.16
C ALA A 249 -4.13 11.99 -5.99
N GLU A 250 -3.72 10.92 -5.31
CA GLU A 250 -3.10 9.78 -5.96
C GLU A 250 -3.96 8.92 -6.88
N THR A 251 -5.23 8.71 -6.51
CA THR A 251 -6.11 7.94 -7.35
C THR A 251 -6.17 8.60 -8.71
N ASN A 252 -6.34 9.92 -8.70
CA ASN A 252 -6.44 10.69 -9.93
C ASN A 252 -5.12 10.82 -10.70
N LYS A 253 -4.00 10.96 -10.01
CA LYS A 253 -2.75 11.09 -10.74
C LYS A 253 -2.47 9.76 -11.45
N ILE A 254 -2.70 8.66 -10.76
CA ILE A 254 -2.48 7.34 -11.32
C ILE A 254 -3.36 7.11 -12.56
N LEU A 255 -4.61 7.54 -12.47
CA LEU A 255 -5.55 7.37 -13.57
C LEU A 255 -5.40 8.40 -14.69
N GLY A 256 -4.58 9.42 -14.46
CA GLY A 256 -4.38 10.43 -15.47
C GLY A 256 -5.61 11.31 -15.60
N LEU A 257 -6.34 11.47 -14.50
CA LEU A 257 -7.54 12.28 -14.49
C LEU A 257 -7.30 13.58 -13.73
N SER A 258 -6.20 14.25 -14.07
CA SER A 258 -5.84 15.50 -13.43
C SER A 258 -6.80 16.63 -13.77
N ASP A 259 -7.47 16.50 -14.91
CA ASP A 259 -8.42 17.51 -15.37
C ASP A 259 -9.85 17.25 -14.89
N ASN A 260 -10.24 15.98 -14.88
CA ASN A 260 -11.58 15.58 -14.44
C ASN A 260 -11.48 14.63 -13.24
N PRO A 261 -10.97 15.15 -12.11
CA PRO A 261 -10.79 14.40 -10.86
C PRO A 261 -12.04 13.70 -10.35
N ILE A 262 -11.85 12.49 -9.83
CA ILE A 262 -12.95 11.73 -9.27
C ILE A 262 -12.82 11.77 -7.76
N PRO A 263 -13.91 12.14 -7.07
CA PRO A 263 -13.92 12.23 -5.61
C PRO A 263 -13.63 10.90 -4.91
N VAL A 264 -12.55 10.87 -4.14
CA VAL A 264 -12.19 9.69 -3.37
C VAL A 264 -11.81 10.24 -2.00
N ASP A 265 -12.59 9.88 -0.99
CA ASP A 265 -12.31 10.39 0.34
C ASP A 265 -12.93 9.52 1.44
N GLY A 266 -12.49 9.72 2.67
CA GLY A 266 -13.01 8.94 3.77
C GLY A 266 -12.10 8.98 4.99
N LEU A 267 -12.14 7.91 5.78
CA LEU A 267 -11.33 7.84 6.99
C LEU A 267 -10.32 6.68 6.97
N CYS A 268 -9.10 6.96 7.39
CA CYS A 268 -8.04 5.96 7.44
C CYS A 268 -7.77 5.57 8.89
N VAL A 269 -8.01 4.31 9.22
CA VAL A 269 -7.84 3.83 10.59
C VAL A 269 -6.89 2.63 10.69
N ARG A 270 -6.01 2.69 11.68
CA ARG A 270 -5.05 1.61 11.89
C ARG A 270 -5.60 0.56 12.87
N ILE A 271 -5.40 -0.71 12.55
CA ILE A 271 -5.87 -1.81 13.40
C ILE A 271 -4.76 -2.84 13.62
N GLY A 272 -5.00 -3.78 14.51
CA GLY A 272 -4.02 -4.81 14.83
C GLY A 272 -3.81 -5.92 13.83
N ALA A 273 -3.33 -5.56 12.65
CA ALA A 273 -3.02 -6.49 11.57
C ALA A 273 -1.56 -6.24 11.20
N LEU A 274 -0.86 -7.28 10.76
CA LEU A 274 0.56 -7.12 10.44
C LEU A 274 0.91 -6.51 9.10
N ARG A 275 0.34 -7.05 8.02
CA ARG A 275 0.67 -6.52 6.70
C ARG A 275 -0.39 -6.44 5.60
N CYS A 276 -1.66 -6.60 5.94
CA CYS A 276 -2.73 -6.49 4.95
C CYS A 276 -3.65 -5.34 5.31
N HIS A 277 -3.96 -4.50 4.34
CA HIS A 277 -4.90 -3.42 4.56
C HIS A 277 -6.24 -3.98 4.10
N SER A 278 -7.32 -3.47 4.67
CA SER A 278 -8.67 -3.87 4.27
C SER A 278 -9.41 -2.56 4.06
N GLN A 279 -10.42 -2.56 3.21
CA GLN A 279 -11.14 -1.32 2.95
C GLN A 279 -12.61 -1.53 2.66
N ALA A 280 -13.46 -0.78 3.37
CA ALA A 280 -14.90 -0.85 3.16
C ALA A 280 -15.24 0.32 2.24
N PHE A 281 -15.96 0.04 1.15
CA PHE A 281 -16.31 1.06 0.18
C PHE A 281 -17.81 1.28 0.03
N THR A 282 -18.16 2.53 -0.26
CA THR A 282 -19.53 2.93 -0.58
C THR A 282 -19.26 3.61 -1.91
N ILE A 283 -19.58 2.93 -3.01
CA ILE A 283 -19.30 3.49 -4.33
C ILE A 283 -20.50 4.00 -5.10
N LYS A 284 -20.46 5.31 -5.42
CA LYS A 284 -21.52 5.93 -6.17
C LYS A 284 -21.27 5.72 -7.66
N LEU A 285 -22.07 4.86 -8.27
CA LEU A 285 -21.94 4.56 -9.69
C LEU A 285 -22.72 5.57 -10.53
N LYS A 286 -22.20 5.86 -11.72
CA LYS A 286 -22.82 6.82 -12.63
C LYS A 286 -24.21 6.39 -13.06
N LYS A 287 -24.35 5.12 -13.44
CA LYS A 287 -25.63 4.58 -13.88
C LYS A 287 -25.93 3.32 -13.08
N ASP A 288 -27.20 2.89 -13.10
CA ASP A 288 -27.56 1.68 -12.38
C ASP A 288 -27.36 0.45 -13.26
N LEU A 289 -26.64 -0.52 -12.73
CA LEU A 289 -26.35 -1.76 -13.45
C LEU A 289 -26.62 -2.95 -12.55
N PRO A 290 -26.92 -4.11 -13.14
CA PRO A 290 -27.19 -5.32 -12.35
C PRO A 290 -25.95 -5.69 -11.56
N LEU A 291 -26.14 -6.05 -10.30
CA LEU A 291 -25.06 -6.43 -9.42
C LEU A 291 -24.13 -7.43 -10.10
N GLU A 292 -24.72 -8.39 -10.80
CA GLU A 292 -23.94 -9.41 -11.49
C GLU A 292 -23.03 -8.82 -12.58
N GLU A 293 -23.53 -7.80 -13.26
CA GLU A 293 -22.77 -7.16 -14.34
C GLU A 293 -21.60 -6.40 -13.74
N ILE A 294 -21.82 -5.81 -12.57
CA ILE A 294 -20.77 -5.06 -11.89
C ILE A 294 -19.65 -6.02 -11.52
N GLU A 295 -20.03 -7.15 -10.94
CA GLU A 295 -19.05 -8.15 -10.52
C GLU A 295 -18.15 -8.56 -11.68
N GLN A 296 -18.78 -8.98 -12.77
CA GLN A 296 -18.05 -9.41 -13.96
C GLN A 296 -17.07 -8.32 -14.40
N ILE A 297 -17.52 -7.06 -14.34
CA ILE A 297 -16.66 -5.95 -14.71
C ILE A 297 -15.46 -5.91 -13.76
N ILE A 298 -15.74 -6.02 -12.46
CA ILE A 298 -14.70 -6.02 -11.44
C ILE A 298 -13.72 -7.17 -11.63
N ALA A 299 -14.26 -8.38 -11.72
CA ALA A 299 -13.45 -9.58 -11.87
C ALA A 299 -12.56 -9.64 -13.13
N SER A 300 -13.04 -9.06 -14.23
CA SER A 300 -12.31 -9.10 -15.49
C SER A 300 -11.24 -8.04 -15.71
N HIS A 301 -11.07 -7.11 -14.76
CA HIS A 301 -10.06 -6.07 -14.94
C HIS A 301 -8.61 -6.56 -14.95
N ASN A 302 -8.28 -7.44 -14.02
CA ASN A 302 -6.93 -7.96 -13.95
C ASN A 302 -6.94 -9.36 -13.34
N GLU A 303 -5.81 -10.04 -13.45
CA GLU A 303 -5.69 -11.42 -12.99
C GLU A 303 -5.53 -11.65 -11.49
N TRP A 304 -5.26 -10.57 -10.74
CA TRP A 304 -5.08 -10.71 -9.29
C TRP A 304 -6.34 -10.45 -8.48
N VAL A 305 -7.16 -9.51 -8.93
CA VAL A 305 -8.39 -9.23 -8.20
C VAL A 305 -9.21 -10.51 -8.15
N LYS A 306 -9.87 -10.74 -7.02
CA LYS A 306 -10.69 -11.93 -6.88
C LYS A 306 -12.05 -11.59 -6.25
N VAL A 307 -13.11 -11.78 -7.04
CA VAL A 307 -14.46 -11.49 -6.56
C VAL A 307 -14.97 -12.60 -5.66
N ILE A 308 -15.11 -12.30 -4.38
CA ILE A 308 -15.60 -13.26 -3.39
C ILE A 308 -17.12 -13.16 -3.29
N PRO A 309 -17.82 -14.28 -3.55
CA PRO A 309 -19.28 -14.28 -3.46
C PRO A 309 -19.80 -13.89 -2.08
N ASN A 310 -20.87 -13.10 -2.05
CA ASN A 310 -21.46 -12.63 -0.81
C ASN A 310 -22.01 -13.77 0.05
N ASP A 311 -21.14 -14.73 0.35
CA ASP A 311 -21.50 -15.90 1.15
C ASP A 311 -20.66 -15.95 2.43
N LYS A 312 -21.31 -16.18 3.56
CA LYS A 312 -20.62 -16.24 4.86
C LYS A 312 -19.35 -17.08 4.94
N GLU A 313 -19.49 -18.40 4.85
CA GLU A 313 -18.36 -19.32 4.94
C GLU A 313 -17.21 -19.00 4.00
N ILE A 314 -17.54 -18.66 2.77
CA ILE A 314 -16.52 -18.35 1.79
C ILE A 314 -15.88 -17.00 2.10
N THR A 315 -16.67 -16.08 2.65
CA THR A 315 -16.15 -14.77 3.00
C THR A 315 -15.16 -14.92 4.14
N LEU A 316 -15.48 -15.77 5.11
CA LEU A 316 -14.61 -16.00 6.26
C LEU A 316 -13.31 -16.69 5.88
N ARG A 317 -13.34 -17.44 4.79
CA ARG A 317 -12.16 -18.17 4.34
C ARG A 317 -11.30 -17.38 3.37
N GLU A 318 -11.92 -16.52 2.58
CA GLU A 318 -11.21 -15.75 1.55
C GLU A 318 -10.97 -14.26 1.79
N LEU A 319 -11.97 -13.56 2.32
CA LEU A 319 -11.87 -12.12 2.51
C LEU A 319 -11.27 -11.63 3.84
N THR A 320 -10.04 -12.04 4.13
CA THR A 320 -9.42 -11.64 5.38
C THR A 320 -7.91 -11.49 5.27
N PRO A 321 -7.32 -10.72 6.19
CA PRO A 321 -5.87 -10.52 6.18
C PRO A 321 -5.22 -11.89 6.39
N ALA A 322 -5.88 -12.72 7.18
CA ALA A 322 -5.40 -14.07 7.47
C ALA A 322 -5.17 -14.86 6.18
N LYS A 323 -6.09 -14.72 5.25
CA LYS A 323 -6.00 -15.43 3.99
C LYS A 323 -5.03 -14.82 2.98
N VAL A 324 -5.09 -13.51 2.78
CA VAL A 324 -4.26 -12.85 1.78
C VAL A 324 -2.80 -12.51 2.11
N THR A 325 -2.45 -12.40 3.39
CA THR A 325 -1.08 -12.06 3.76
C THR A 325 0.01 -12.80 2.97
N GLY A 326 0.94 -12.02 2.40
CA GLY A 326 2.02 -12.60 1.64
C GLY A 326 1.69 -13.15 0.26
N THR A 327 0.47 -12.88 -0.23
CA THR A 327 0.09 -13.35 -1.55
C THR A 327 -0.23 -12.14 -2.42
N LEU A 328 -0.28 -12.36 -3.74
CA LEU A 328 -0.56 -11.29 -4.70
C LEU A 328 -2.04 -11.17 -5.03
N SER A 329 -2.87 -11.96 -4.35
CA SER A 329 -4.31 -11.94 -4.59
C SER A 329 -4.98 -10.72 -3.97
N VAL A 330 -5.95 -10.16 -4.69
CA VAL A 330 -6.68 -8.98 -4.23
C VAL A 330 -8.18 -9.24 -4.19
N PRO A 331 -8.62 -10.04 -3.21
CA PRO A 331 -10.06 -10.34 -3.12
C PRO A 331 -10.95 -9.14 -2.80
N VAL A 332 -12.10 -9.10 -3.46
CA VAL A 332 -13.09 -8.04 -3.24
C VAL A 332 -14.42 -8.79 -3.04
N GLY A 333 -15.16 -8.41 -2.00
CA GLY A 333 -16.42 -9.09 -1.72
C GLY A 333 -17.50 -8.24 -1.10
N ARG A 334 -18.48 -8.88 -0.49
CA ARG A 334 -19.62 -8.22 0.12
C ARG A 334 -20.23 -7.26 -0.90
N LEU A 335 -20.19 -7.67 -2.17
CA LEU A 335 -20.72 -6.84 -3.24
C LEU A 335 -22.24 -6.88 -3.27
N ARG A 336 -22.86 -5.70 -3.21
CA ARG A 336 -24.31 -5.57 -3.24
C ARG A 336 -24.72 -4.10 -3.31
N LYS A 337 -25.99 -3.86 -3.64
CA LYS A 337 -26.51 -2.51 -3.73
C LYS A 337 -26.80 -1.99 -2.32
N LEU A 338 -26.66 -0.68 -2.15
CA LEU A 338 -26.91 -0.05 -0.86
C LEU A 338 -28.31 0.56 -0.81
N ALA A 339 -28.88 0.64 0.39
CA ALA A 339 -30.22 1.18 0.58
C ALA A 339 -30.43 2.59 0.07
N MET A 340 -29.36 3.36 -0.12
CA MET A 340 -29.50 4.73 -0.61
C MET A 340 -29.92 4.78 -2.07
N GLY A 341 -29.91 3.64 -2.74
CA GLY A 341 -30.29 3.60 -4.14
C GLY A 341 -29.43 2.65 -4.97
N PRO A 342 -29.98 2.13 -6.09
CA PRO A 342 -29.30 1.20 -6.99
C PRO A 342 -28.00 1.78 -7.54
N GLU A 343 -27.82 3.07 -7.34
CA GLU A 343 -26.63 3.79 -7.78
C GLU A 343 -25.49 3.55 -6.80
N TYR A 344 -25.85 3.13 -5.59
CA TYR A 344 -24.90 2.88 -4.52
C TYR A 344 -24.49 1.41 -4.36
N LEU A 345 -23.19 1.16 -4.45
CA LEU A 345 -22.62 -0.18 -4.35
C LEU A 345 -21.73 -0.34 -3.13
N ALA A 346 -21.89 -1.46 -2.43
CA ALA A 346 -21.07 -1.74 -1.26
C ALA A 346 -20.00 -2.77 -1.63
N ALA A 347 -18.77 -2.56 -1.15
CA ALA A 347 -17.69 -3.50 -1.44
C ALA A 347 -16.64 -3.47 -0.33
N PHE A 348 -16.06 -4.64 -0.09
CA PHE A 348 -15.02 -4.78 0.93
C PHE A 348 -13.83 -5.51 0.30
N THR A 349 -12.63 -4.99 0.46
CA THR A 349 -11.47 -5.66 -0.12
C THR A 349 -10.31 -5.81 0.86
N VAL A 350 -9.44 -6.77 0.58
CA VAL A 350 -8.27 -7.04 1.41
C VAL A 350 -7.06 -7.24 0.50
N GLY A 351 -5.96 -6.56 0.82
CA GLY A 351 -4.74 -6.68 0.03
C GLY A 351 -3.47 -6.51 0.84
N ASP A 352 -2.42 -7.23 0.47
CA ASP A 352 -1.13 -7.15 1.19
C ASP A 352 -0.45 -5.81 0.93
N GLN A 353 -0.18 -5.08 2.01
CA GLN A 353 0.45 -3.77 1.92
C GLN A 353 1.86 -3.79 1.36
N LEU A 354 2.61 -4.85 1.66
CA LEU A 354 3.98 -4.95 1.19
C LEU A 354 4.15 -5.38 -0.25
N LEU A 355 3.16 -6.06 -0.82
CA LEU A 355 3.29 -6.51 -2.19
C LEU A 355 2.71 -5.49 -3.19
N TRP A 356 1.42 -5.55 -3.48
CA TRP A 356 0.84 -4.58 -4.42
C TRP A 356 0.80 -3.16 -3.85
N GLY A 357 0.92 -3.06 -2.54
CA GLY A 357 0.92 -1.75 -1.90
C GLY A 357 2.32 -1.19 -1.72
N ALA A 358 3.33 -1.87 -2.25
CA ALA A 358 4.71 -1.39 -2.10
C ALA A 358 5.74 -1.89 -3.11
N ALA A 359 6.27 -3.09 -2.89
CA ALA A 359 7.31 -3.65 -3.76
C ALA A 359 6.92 -4.16 -5.15
N GLU A 360 5.75 -4.77 -5.27
CA GLU A 360 5.33 -5.33 -6.53
C GLU A 360 5.21 -4.29 -7.64
N PRO A 361 4.61 -3.12 -7.35
CA PRO A 361 4.50 -2.12 -8.43
C PRO A 361 5.89 -1.68 -8.89
N VAL A 362 6.83 -1.65 -7.94
CA VAL A 362 8.18 -1.25 -8.26
C VAL A 362 8.87 -2.28 -9.16
N ARG A 363 8.79 -3.55 -8.77
CA ARG A 363 9.39 -4.65 -9.52
C ARG A 363 8.91 -4.69 -10.96
N ARG A 364 7.63 -4.42 -11.15
CA ARG A 364 7.00 -4.43 -12.47
C ARG A 364 7.46 -3.32 -13.41
N ILE A 365 7.63 -2.12 -12.89
CA ILE A 365 8.09 -1.05 -13.77
C ILE A 365 9.53 -1.37 -14.17
N LEU A 366 10.35 -1.79 -13.20
CA LEU A 366 11.74 -2.12 -13.49
C LEU A 366 11.81 -3.15 -14.62
N LYS A 367 10.99 -4.19 -14.50
CA LYS A 367 10.95 -5.25 -15.49
C LYS A 367 10.77 -4.65 -16.89
N GLN A 368 9.87 -3.69 -17.01
CA GLN A 368 9.61 -3.04 -18.29
C GLN A 368 10.79 -2.22 -18.79
N LEU A 369 11.42 -1.48 -17.89
CA LEU A 369 12.56 -0.64 -18.23
C LEU A 369 13.80 -1.40 -18.69
N VAL A 370 13.88 -2.68 -18.36
CA VAL A 370 15.04 -3.47 -18.74
C VAL A 370 14.75 -4.48 -19.86
N ALA A 371 13.51 -4.47 -20.34
CA ALA A 371 13.14 -5.38 -21.41
C ALA A 371 13.86 -4.98 -22.70
P PO4 B . 4.40 10.51 3.89
O1 PO4 B . 4.63 10.39 2.34
O2 PO4 B . 4.36 11.93 4.38
O3 PO4 B . 5.54 9.69 4.58
O4 PO4 B . 3.06 9.80 4.18
#